data_2ICK
#
_entry.id   2ICK
#
_cell.length_a   40.812
_cell.length_b   47.396
_cell.length_c   116.817
_cell.angle_alpha   90.00
_cell.angle_beta   90.00
_cell.angle_gamma   90.00
#
_symmetry.space_group_name_H-M   'P 21 21 21'
#
loop_
_entity.id
_entity.type
_entity.pdbx_description
1 polymer 'Isopentenyl-diphosphate delta isomerase'
2 non-polymer 'MANGANESE (II) ION'
3 non-polymer 'DIMETHYLALLYL DIPHOSPHATE'
4 water water
#
_entity_poly.entity_id   1
_entity_poly.type   'polypeptide(L)'
_entity_poly.pdbx_seq_one_letter_code
;GPLGSMMPEINTNHLDKQQVQLLAEMCILIDENDNKIGAETKKNCHLNENIEKGLLHRAFSVFLFNTENKLLLQQRSDAK
ITFPGCFTNTCCSHPLSNPAELEESDALGVRRAAQRRLKAELGIPLEEVPPEEINYLTRIHYKAQSDGIWGEHEIDYILL
VRKNVTLNPDPNEIKSYCYVSKEELKELLKKAASGEIKITPWFKIIAATFLFKWWDNLNHLNQFVDHEKIYRM
;
_entity_poly.pdbx_strand_id   A
#
# COMPACT_ATOMS: atom_id res chain seq x y z
N HIS A 14 -17.19 17.91 -5.01
CA HIS A 14 -16.61 18.64 -3.85
C HIS A 14 -15.21 18.13 -3.46
N LEU A 15 -14.87 16.94 -3.95
CA LEU A 15 -13.58 16.34 -3.65
C LEU A 15 -12.50 16.87 -4.61
N ASP A 16 -11.23 16.68 -4.24
CA ASP A 16 -10.11 17.11 -5.07
C ASP A 16 -10.24 16.57 -6.50
N LYS A 17 -10.12 17.46 -7.48
CA LYS A 17 -10.24 17.08 -8.90
C LYS A 17 -9.26 16.02 -9.40
N GLN A 18 -7.97 16.16 -9.09
CA GLN A 18 -7.01 15.17 -9.58
C GLN A 18 -7.28 13.79 -8.98
N GLN A 19 -7.67 13.74 -7.73
CA GLN A 19 -7.96 12.44 -7.09
C GLN A 19 -9.24 11.88 -7.70
N VAL A 20 -10.19 12.76 -8.02
CA VAL A 20 -11.43 12.33 -8.65
C VAL A 20 -11.10 11.70 -10.00
N GLN A 21 -10.19 12.31 -10.75
CA GLN A 21 -9.83 11.75 -12.03
C GLN A 21 -9.22 10.34 -11.90
N LEU A 22 -8.51 10.09 -10.81
CA LEU A 22 -7.91 8.77 -10.58
C LEU A 22 -8.95 7.73 -10.21
N LEU A 23 -10.16 8.17 -9.86
CA LEU A 23 -11.23 7.22 -9.49
C LEU A 23 -11.67 6.42 -10.72
N ALA A 24 -11.27 6.88 -11.89
CA ALA A 24 -11.62 6.19 -13.13
C ALA A 24 -10.67 5.02 -13.49
N GLU A 25 -9.55 4.88 -12.77
CA GLU A 25 -8.61 3.80 -13.08
C GLU A 25 -9.29 2.44 -12.92
N MET A 26 -8.93 1.46 -13.75
CA MET A 26 -9.54 0.13 -13.67
C MET A 26 -8.73 -0.82 -12.79
N CYS A 27 -9.34 -1.25 -11.70
CA CYS A 27 -8.70 -2.13 -10.74
C CYS A 27 -9.02 -3.56 -11.09
N ILE A 28 -8.26 -4.49 -10.51
CA ILE A 28 -8.46 -5.89 -10.76
C ILE A 28 -9.37 -6.55 -9.71
N LEU A 29 -10.54 -7.05 -10.14
CA LEU A 29 -11.44 -7.73 -9.21
C LEU A 29 -10.91 -9.16 -8.97
N ILE A 30 -11.01 -9.66 -7.75
CA ILE A 30 -10.50 -11.00 -7.44
C ILE A 30 -11.46 -11.76 -6.53
N ASP A 31 -11.33 -13.09 -6.50
CA ASP A 31 -12.17 -13.85 -5.55
C ASP A 31 -11.36 -13.89 -4.26
N GLU A 32 -11.86 -14.56 -3.22
CA GLU A 32 -11.13 -14.59 -1.95
C GLU A 32 -9.78 -15.33 -1.99
N ASN A 33 -9.48 -16.08 -3.04
CA ASN A 33 -8.19 -16.75 -3.15
C ASN A 33 -7.23 -16.00 -4.08
N ASP A 34 -7.59 -14.76 -4.39
CA ASP A 34 -6.78 -13.90 -5.23
C ASP A 34 -6.70 -14.37 -6.68
N ASN A 35 -7.79 -14.98 -7.17
CA ASN A 35 -7.84 -15.35 -8.59
C ASN A 35 -8.58 -14.20 -9.24
N LYS A 36 -8.08 -13.73 -10.38
CA LYS A 36 -8.71 -12.62 -11.09
C LYS A 36 -10.10 -13.05 -11.62
N ILE A 37 -11.11 -12.22 -11.41
CA ILE A 37 -12.47 -12.55 -11.89
C ILE A 37 -13.09 -11.39 -12.67
N GLY A 38 -12.40 -10.25 -12.75
CA GLY A 38 -12.99 -9.15 -13.50
C GLY A 38 -12.24 -7.84 -13.30
N ALA A 39 -12.87 -6.72 -13.68
CA ALA A 39 -12.26 -5.42 -13.52
C ALA A 39 -13.38 -4.47 -13.18
N GLU A 40 -13.02 -3.44 -12.42
CA GLU A 40 -13.98 -2.45 -11.99
C GLU A 40 -13.25 -1.16 -11.68
N THR A 41 -13.94 -0.03 -11.77
CA THR A 41 -13.27 1.23 -11.47
C THR A 41 -12.88 1.37 -10.00
N LYS A 42 -11.82 2.14 -9.76
CA LYS A 42 -11.37 2.41 -8.41
C LYS A 42 -12.53 3.00 -7.56
N LYS A 43 -13.32 3.88 -8.15
CA LYS A 43 -14.48 4.46 -7.44
C LYS A 43 -15.39 3.36 -6.90
N ASN A 44 -15.85 2.48 -7.79
CA ASN A 44 -16.75 1.42 -7.39
C ASN A 44 -16.13 0.42 -6.42
N CYS A 45 -14.83 0.16 -6.56
CA CYS A 45 -14.13 -0.78 -5.66
C CYS A 45 -14.00 -0.21 -4.24
N HIS A 46 -14.12 1.11 -4.11
CA HIS A 46 -13.99 1.71 -2.81
C HIS A 46 -15.28 2.25 -2.18
N LEU A 47 -16.43 1.90 -2.75
CA LEU A 47 -17.70 2.35 -2.18
C LEU A 47 -18.11 1.27 -1.16
N ASN A 48 -18.39 1.66 0.07
CA ASN A 48 -18.80 0.69 1.08
C ASN A 48 -20.02 -0.10 0.62
N GLU A 49 -20.90 0.55 -0.15
CA GLU A 49 -22.10 -0.11 -0.63
C GLU A 49 -21.78 -1.31 -1.52
N ASN A 50 -20.70 -1.22 -2.28
CA ASN A 50 -20.27 -2.34 -3.13
C ASN A 50 -19.45 -3.34 -2.33
N ILE A 51 -18.64 -2.84 -1.40
CA ILE A 51 -17.85 -3.73 -0.54
C ILE A 51 -18.79 -4.63 0.31
N GLU A 52 -19.88 -4.03 0.80
CA GLU A 52 -20.88 -4.71 1.61
C GLU A 52 -21.41 -5.93 0.86
N LYS A 53 -21.39 -5.87 -0.45
CA LYS A 53 -21.85 -7.00 -1.27
C LYS A 53 -20.71 -7.93 -1.69
N GLY A 54 -19.50 -7.75 -1.15
CA GLY A 54 -18.40 -8.64 -1.49
C GLY A 54 -17.34 -8.19 -2.49
N LEU A 55 -17.53 -7.03 -3.12
CA LEU A 55 -16.57 -6.55 -4.12
C LEU A 55 -15.18 -6.49 -3.48
N LEU A 56 -14.22 -7.17 -4.10
CA LEU A 56 -12.86 -7.27 -3.57
C LEU A 56 -11.84 -7.10 -4.70
N HIS A 57 -10.79 -6.32 -4.43
CA HIS A 57 -9.79 -6.07 -5.44
C HIS A 57 -8.37 -6.31 -4.96
N ARG A 58 -7.47 -6.44 -5.92
CA ARG A 58 -6.06 -6.68 -5.59
C ARG A 58 -5.32 -5.36 -5.34
N ALA A 59 -4.43 -5.36 -4.36
CA ALA A 59 -3.64 -4.16 -4.06
C ALA A 59 -2.26 -4.55 -3.57
N PHE A 60 -1.43 -3.55 -3.30
CA PHE A 60 -0.08 -3.79 -2.75
C PHE A 60 0.27 -2.68 -1.75
N SER A 61 1.20 -3.00 -0.85
CA SER A 61 1.69 -2.07 0.17
C SER A 61 3.21 -2.20 0.18
N VAL A 62 3.91 -1.11 -0.08
CA VAL A 62 5.37 -1.14 -0.09
C VAL A 62 5.96 -0.64 1.22
N PHE A 63 6.96 -1.36 1.71
CA PHE A 63 7.68 -0.93 2.91
C PHE A 63 9.10 -0.77 2.42
N LEU A 64 9.58 0.47 2.39
CA LEU A 64 10.93 0.78 1.90
C LEU A 64 11.83 1.22 3.03
N PHE A 65 12.98 0.55 3.15
CA PHE A 65 13.97 0.85 4.18
C PHE A 65 15.27 1.32 3.55
N ASN A 66 15.96 2.27 4.20
CA ASN A 66 17.24 2.72 3.67
C ASN A 66 18.39 1.96 4.38
N THR A 67 19.64 2.30 4.04
CA THR A 67 20.82 1.67 4.63
C THR A 67 20.89 1.83 6.11
N GLU A 68 20.31 2.92 6.62
CA GLU A 68 20.30 3.13 8.06
C GLU A 68 19.19 2.30 8.73
N ASN A 69 18.49 1.46 7.96
CA ASN A 69 17.40 0.61 8.47
C ASN A 69 16.18 1.37 9.00
N LYS A 70 15.97 2.55 8.46
CA LYS A 70 14.83 3.35 8.81
C LYS A 70 13.79 3.11 7.71
N LEU A 71 12.53 3.14 8.13
CA LEU A 71 11.42 2.91 7.23
C LEU A 71 10.87 4.23 6.76
N LEU A 72 10.59 4.32 5.46
CA LEU A 72 10.07 5.54 4.88
C LEU A 72 8.55 5.60 4.99
N LEU A 73 8.04 6.57 5.75
CA LEU A 73 6.60 6.73 5.90
C LEU A 73 6.13 7.98 5.16
N GLN A 74 4.84 8.02 4.85
CA GLN A 74 4.27 9.19 4.21
C GLN A 74 3.02 9.57 4.99
N GLN A 75 2.62 10.83 4.89
CA GLN A 75 1.37 11.22 5.48
C GLN A 75 0.52 11.53 4.24
N ARG A 76 -0.58 10.79 4.08
CA ARG A 76 -1.45 11.01 2.93
C ARG A 76 -1.96 12.44 2.94
N SER A 77 -2.03 13.03 1.74
CA SER A 77 -2.49 14.41 1.57
C SER A 77 -3.95 14.53 1.97
N ASP A 78 -4.44 15.76 2.15
CA ASP A 78 -5.82 15.96 2.52
C ASP A 78 -6.74 15.76 1.31
N ALA A 79 -6.15 15.58 0.13
CA ALA A 79 -6.95 15.37 -1.09
C ALA A 79 -7.32 13.89 -1.29
N LYS A 80 -6.65 12.97 -0.62
CA LYS A 80 -6.93 11.55 -0.82
C LYS A 80 -8.36 11.30 -0.39
N ILE A 81 -9.11 10.57 -1.21
CA ILE A 81 -10.52 10.33 -0.87
C ILE A 81 -10.69 9.36 0.30
N THR A 82 -9.84 8.34 0.38
CA THR A 82 -9.85 7.40 1.49
C THR A 82 -8.72 7.79 2.45
N PHE A 83 -9.03 7.73 3.74
CA PHE A 83 -8.10 8.05 4.83
C PHE A 83 -7.17 9.23 4.58
N PRO A 84 -7.76 10.42 4.33
CA PRO A 84 -6.86 11.56 4.09
C PRO A 84 -6.09 11.92 5.34
N GLY A 85 -4.90 12.50 5.15
CA GLY A 85 -4.08 12.93 6.28
C GLY A 85 -3.56 11.86 7.24
N CYS A 86 -3.72 10.59 6.90
CA CYS A 86 -3.25 9.50 7.75
C CYS A 86 -1.79 9.13 7.49
N PHE A 87 -1.04 8.84 8.56
CA PHE A 87 0.34 8.37 8.38
C PHE A 87 0.22 6.90 8.00
N THR A 88 1.14 6.43 7.16
CA THR A 88 1.08 5.06 6.66
C THR A 88 2.44 4.67 6.08
N ASN A 89 2.56 3.43 5.63
CA ASN A 89 3.83 2.96 5.05
C ASN A 89 4.12 3.65 3.71
N THR A 90 5.30 3.36 3.17
CA THR A 90 5.83 4.00 1.98
C THR A 90 4.87 4.28 0.83
N CYS A 91 4.11 3.27 0.42
CA CYS A 91 3.22 3.47 -0.70
C CYS A 91 2.19 2.37 -0.70
N CYS A 92 0.98 2.73 -1.05
CA CYS A 92 -0.03 1.71 -1.09
C CYS A 92 -0.88 2.10 -2.29
N SER A 93 -1.14 1.14 -3.16
CA SER A 93 -1.96 1.43 -4.31
C SER A 93 -2.48 0.14 -4.94
N HIS A 94 -2.77 0.16 -6.23
CA HIS A 94 -3.31 -1.04 -6.85
C HIS A 94 -2.80 -1.29 -8.23
N PRO A 95 -2.63 -2.56 -8.61
CA PRO A 95 -2.19 -2.85 -9.96
C PRO A 95 -3.45 -2.59 -10.81
N LEU A 96 -3.23 -2.11 -12.03
CA LEU A 96 -4.32 -1.77 -12.94
C LEU A 96 -4.66 -2.96 -13.84
N SER A 97 -5.89 -2.95 -14.36
CA SER A 97 -6.31 -4.04 -15.21
C SER A 97 -5.86 -3.77 -16.64
N ASN A 98 -4.55 -3.92 -16.86
CA ASN A 98 -3.99 -3.81 -18.21
C ASN A 98 -2.98 -4.98 -18.34
N PRO A 99 -2.57 -5.31 -19.56
CA PRO A 99 -1.63 -6.41 -19.77
C PRO A 99 -0.39 -6.39 -18.86
N ALA A 100 0.25 -5.24 -18.71
CA ALA A 100 1.45 -5.17 -17.87
C ALA A 100 1.24 -5.52 -16.39
N GLU A 101 0.16 -4.99 -15.80
CA GLU A 101 -0.07 -5.17 -14.37
C GLU A 101 -0.98 -6.31 -13.96
N LEU A 102 -1.57 -6.98 -14.95
CA LEU A 102 -2.36 -8.18 -14.70
C LEU A 102 -1.40 -9.37 -14.61
N GLU A 103 -0.17 -9.20 -15.10
CA GLU A 103 0.82 -10.30 -15.12
C GLU A 103 0.99 -11.02 -13.78
N GLU A 104 0.63 -12.30 -13.74
CA GLU A 104 0.74 -13.07 -12.50
C GLU A 104 2.08 -13.74 -12.23
N SER A 105 2.92 -13.90 -13.24
CA SER A 105 4.23 -14.57 -13.07
C SER A 105 5.16 -13.87 -12.09
N ASP A 106 5.45 -14.54 -10.98
CA ASP A 106 6.33 -14.00 -9.93
C ASP A 106 5.76 -12.65 -9.41
N ALA A 107 4.44 -12.50 -9.43
CA ALA A 107 3.80 -11.24 -9.01
C ALA A 107 4.41 -10.04 -9.78
N LEU A 108 4.81 -10.24 -11.03
CA LEU A 108 5.41 -9.14 -11.78
C LEU A 108 4.47 -7.93 -11.99
N GLY A 109 3.19 -8.20 -12.25
CA GLY A 109 2.23 -7.10 -12.47
C GLY A 109 2.18 -6.17 -11.28
N VAL A 110 2.07 -6.75 -10.10
CA VAL A 110 2.07 -5.98 -8.87
C VAL A 110 3.41 -5.24 -8.65
N ARG A 111 4.54 -5.88 -8.97
CA ARG A 111 5.80 -5.17 -8.74
C ARG A 111 5.93 -4.00 -9.75
N ARG A 112 5.42 -4.19 -10.95
CA ARG A 112 5.46 -3.11 -11.94
C ARG A 112 4.58 -1.95 -11.46
N ALA A 113 3.43 -2.29 -10.87
CA ALA A 113 2.50 -1.26 -10.38
C ALA A 113 3.15 -0.50 -9.22
N ALA A 114 3.89 -1.23 -8.40
CA ALA A 114 4.57 -0.62 -7.28
C ALA A 114 5.61 0.35 -7.82
N GLN A 115 6.41 -0.09 -8.80
CA GLN A 115 7.41 0.82 -9.39
C GLN A 115 6.71 2.11 -9.94
N ARG A 116 5.60 1.92 -10.63
CA ARG A 116 4.88 3.04 -11.23
C ARG A 116 4.40 4.03 -10.20
N ARG A 117 3.80 3.53 -9.11
CA ARG A 117 3.27 4.42 -8.05
C ARG A 117 4.36 5.02 -7.18
N LEU A 118 5.47 4.32 -7.02
CA LEU A 118 6.57 4.87 -6.24
C LEU A 118 7.02 6.16 -6.97
N LYS A 119 7.09 6.10 -8.29
CA LYS A 119 7.45 7.27 -9.06
C LYS A 119 6.36 8.34 -9.00
N ALA A 120 5.10 7.94 -9.25
CA ALA A 120 4.01 8.91 -9.24
C ALA A 120 3.76 9.60 -7.88
N GLU A 121 3.87 8.87 -6.78
CA GLU A 121 3.59 9.47 -5.46
C GLU A 121 4.77 10.12 -4.79
N LEU A 122 5.91 9.43 -4.76
CA LEU A 122 7.10 9.92 -4.07
C LEU A 122 8.14 10.54 -5.00
N GLY A 123 7.95 10.40 -6.31
CA GLY A 123 8.92 10.96 -7.24
C GLY A 123 10.22 10.12 -7.32
N ILE A 124 10.13 8.86 -6.94
CA ILE A 124 11.31 7.98 -7.01
C ILE A 124 11.50 7.58 -8.48
N PRO A 125 12.69 7.81 -9.05
CA PRO A 125 12.90 7.46 -10.46
C PRO A 125 12.58 6.01 -10.75
N LEU A 126 11.92 5.75 -11.88
CA LEU A 126 11.57 4.37 -12.25
C LEU A 126 12.82 3.47 -12.17
N GLU A 127 13.96 3.99 -12.62
CA GLU A 127 15.21 3.24 -12.64
C GLU A 127 15.77 2.80 -11.28
N GLU A 128 15.38 3.48 -10.21
CA GLU A 128 15.88 3.15 -8.89
C GLU A 128 15.09 2.00 -8.29
N VAL A 129 13.85 1.83 -8.74
CA VAL A 129 12.98 0.80 -8.23
C VAL A 129 12.34 -0.15 -9.27
N PRO A 130 13.18 -0.75 -10.15
CA PRO A 130 12.66 -1.67 -11.15
C PRO A 130 12.14 -2.91 -10.39
N PRO A 131 11.28 -3.70 -11.04
CA PRO A 131 10.71 -4.88 -10.39
C PRO A 131 11.70 -5.80 -9.67
N GLU A 132 12.90 -5.92 -10.21
CA GLU A 132 13.89 -6.79 -9.59
C GLU A 132 14.34 -6.32 -8.21
N GLU A 133 14.10 -5.06 -7.88
CA GLU A 133 14.47 -4.53 -6.56
C GLU A 133 13.29 -4.63 -5.58
N ILE A 134 12.15 -5.09 -6.08
CA ILE A 134 10.94 -5.14 -5.26
C ILE A 134 10.63 -6.57 -4.83
N ASN A 135 10.79 -6.82 -3.53
CA ASN A 135 10.57 -8.15 -2.99
C ASN A 135 9.18 -8.38 -2.43
N TYR A 136 8.52 -9.35 -3.01
CA TYR A 136 7.16 -9.75 -2.62
C TYR A 136 7.25 -10.73 -1.45
N LEU A 137 6.74 -10.33 -0.28
CA LEU A 137 6.76 -11.18 0.89
C LEU A 137 5.55 -12.08 1.09
N THR A 138 4.37 -11.48 1.25
CA THR A 138 3.17 -12.31 1.43
C THR A 138 1.92 -11.48 1.11
N ARG A 139 0.74 -12.06 1.35
CA ARG A 139 -0.51 -11.36 1.07
C ARG A 139 -1.37 -11.33 2.31
N ILE A 140 -2.10 -10.21 2.48
CA ILE A 140 -2.98 -10.06 3.63
C ILE A 140 -4.35 -9.64 3.09
N HIS A 141 -5.44 -10.20 3.64
CA HIS A 141 -6.80 -9.85 3.22
C HIS A 141 -7.42 -9.05 4.36
N TYR A 142 -7.95 -7.86 4.08
CA TYR A 142 -8.58 -7.01 5.10
C TYR A 142 -9.69 -6.15 4.52
N LYS A 143 -10.55 -5.64 5.40
CA LYS A 143 -11.66 -4.78 5.04
C LYS A 143 -11.74 -3.64 6.08
N ALA A 144 -12.04 -2.43 5.64
CA ALA A 144 -12.16 -1.30 6.55
C ALA A 144 -13.04 -0.20 5.94
N GLN A 145 -13.47 0.74 6.76
CA GLN A 145 -14.23 1.87 6.25
C GLN A 145 -13.47 3.14 6.60
N SER A 146 -13.39 4.05 5.64
CA SER A 146 -12.73 5.35 5.84
C SER A 146 -13.80 6.26 6.40
N ASP A 147 -14.97 6.23 5.78
CA ASP A 147 -16.13 7.00 6.28
C ASP A 147 -17.41 6.30 5.90
N GLY A 148 -18.53 7.01 6.01
CA GLY A 148 -19.80 6.38 5.76
C GLY A 148 -19.96 5.93 4.32
N ILE A 149 -19.21 6.58 3.43
CA ILE A 149 -19.29 6.30 1.99
C ILE A 149 -18.13 5.45 1.43
N TRP A 150 -16.92 5.84 1.78
CA TRP A 150 -15.73 5.18 1.24
C TRP A 150 -15.03 4.21 2.16
N GLY A 151 -14.44 3.18 1.55
CA GLY A 151 -13.71 2.18 2.32
C GLY A 151 -12.76 1.34 1.48
N GLU A 152 -12.27 0.25 2.08
CA GLU A 152 -11.32 -0.64 1.43
C GLU A 152 -11.69 -2.09 1.66
N HIS A 153 -11.30 -2.93 0.70
CA HIS A 153 -11.51 -4.37 0.79
C HIS A 153 -10.53 -4.91 -0.23
N GLU A 154 -9.42 -5.48 0.26
CA GLU A 154 -8.37 -5.92 -0.63
C GLU A 154 -7.62 -7.15 -0.16
N ILE A 155 -6.93 -7.76 -1.11
CA ILE A 155 -5.96 -8.80 -0.78
C ILE A 155 -4.72 -8.00 -1.22
N ASP A 156 -3.95 -7.64 -0.21
CA ASP A 156 -2.80 -6.77 -0.33
C ASP A 156 -1.47 -7.51 -0.38
N TYR A 157 -0.72 -7.28 -1.46
CA TYR A 157 0.60 -7.89 -1.63
C TYR A 157 1.61 -7.02 -0.86
N ILE A 158 2.25 -7.61 0.14
CA ILE A 158 3.23 -6.85 0.91
C ILE A 158 4.58 -6.94 0.18
N LEU A 159 5.14 -5.79 -0.18
CA LEU A 159 6.39 -5.66 -0.91
C LEU A 159 7.45 -4.92 -0.08
N LEU A 160 8.68 -5.39 -0.17
CA LEU A 160 9.76 -4.75 0.59
C LEU A 160 10.85 -4.28 -0.36
N VAL A 161 11.34 -3.07 -0.10
CA VAL A 161 12.38 -2.44 -0.91
C VAL A 161 13.46 -1.96 0.05
N ARG A 162 14.71 -2.22 -0.31
CA ARG A 162 15.85 -1.79 0.49
C ARG A 162 16.74 -0.98 -0.47
N LYS A 163 16.75 0.34 -0.28
CA LYS A 163 17.52 1.22 -1.16
C LYS A 163 17.51 2.68 -0.69
N ASN A 164 18.55 3.44 -1.01
CA ASN A 164 18.64 4.87 -0.65
C ASN A 164 18.17 5.70 -1.84
N VAL A 165 16.87 5.74 -2.01
CA VAL A 165 16.25 6.44 -3.11
C VAL A 165 16.27 7.94 -3.02
N THR A 166 15.99 8.60 -4.15
CA THR A 166 15.89 10.04 -4.16
C THR A 166 14.38 10.26 -4.22
N LEU A 167 13.95 11.39 -3.66
CA LEU A 167 12.54 11.71 -3.57
C LEU A 167 12.18 13.08 -4.15
N ASN A 168 10.97 13.16 -4.70
CA ASN A 168 10.42 14.38 -5.25
C ASN A 168 8.91 14.13 -5.28
N PRO A 169 8.27 14.03 -4.10
CA PRO A 169 6.84 13.75 -3.98
C PRO A 169 5.88 14.75 -4.59
N ASP A 170 4.72 14.24 -4.96
CA ASP A 170 3.64 15.03 -5.52
C ASP A 170 2.78 15.41 -4.31
N PRO A 171 2.69 16.73 -4.00
CA PRO A 171 1.89 17.20 -2.85
C PRO A 171 0.41 16.86 -2.96
N ASN A 172 -0.06 16.56 -4.16
CA ASN A 172 -1.45 16.18 -4.30
C ASN A 172 -1.66 14.79 -3.67
N GLU A 173 -0.57 14.00 -3.62
CA GLU A 173 -0.61 12.64 -3.07
C GLU A 173 -0.22 12.56 -1.59
N ILE A 174 0.83 13.27 -1.21
CA ILE A 174 1.28 13.24 0.19
C ILE A 174 1.57 14.65 0.70
N LYS A 175 1.26 14.89 1.97
CA LYS A 175 1.55 16.19 2.52
C LYS A 175 2.80 16.15 3.38
N SER A 176 3.49 15.00 3.40
CA SER A 176 4.72 14.89 4.17
C SER A 176 5.31 13.49 4.17
N TYR A 177 6.62 13.40 4.44
CA TYR A 177 7.25 12.09 4.47
C TYR A 177 8.37 12.14 5.51
N CYS A 178 8.75 10.98 6.03
CA CYS A 178 9.82 10.87 7.01
C CYS A 178 10.35 9.46 7.18
N TYR A 179 11.67 9.36 7.34
CA TYR A 179 12.31 8.09 7.59
C TYR A 179 12.25 7.96 9.12
N VAL A 180 11.83 6.81 9.63
CA VAL A 180 11.74 6.64 11.10
C VAL A 180 12.47 5.37 11.54
N SER A 181 13.05 5.42 12.74
CA SER A 181 13.71 4.24 13.29
C SER A 181 12.59 3.44 13.96
N LYS A 182 12.92 2.25 14.48
CA LYS A 182 11.91 1.44 15.16
C LYS A 182 11.31 2.23 16.33
N GLU A 183 12.18 2.79 17.17
CA GLU A 183 11.71 3.55 18.34
C GLU A 183 10.88 4.75 17.91
N GLU A 184 11.24 5.37 16.80
CA GLU A 184 10.48 6.53 16.36
C GLU A 184 9.09 6.09 15.91
N LEU A 185 9.00 4.90 15.29
CA LEU A 185 7.70 4.37 14.86
C LEU A 185 6.83 4.09 16.09
N LYS A 186 7.44 3.65 17.19
CA LYS A 186 6.68 3.36 18.40
C LYS A 186 6.07 4.61 19.02
N GLU A 187 6.83 5.69 19.04
CA GLU A 187 6.32 6.94 19.60
C GLU A 187 5.17 7.39 18.69
N LEU A 188 5.31 7.11 17.39
CA LEU A 188 4.29 7.47 16.42
C LEU A 188 3.00 6.69 16.67
N LEU A 189 3.11 5.39 16.86
CA LEU A 189 1.95 4.54 17.09
C LEU A 189 1.21 4.90 18.39
N LYS A 190 1.96 5.37 19.39
CA LYS A 190 1.37 5.76 20.66
C LYS A 190 0.57 7.03 20.46
N LYS A 191 1.06 7.92 19.60
CA LYS A 191 0.36 9.17 19.32
C LYS A 191 -0.92 8.87 18.55
N ALA A 192 -0.96 7.72 17.87
CA ALA A 192 -2.14 7.36 17.12
C ALA A 192 -3.17 6.80 18.08
N ALA A 193 -2.69 6.07 19.08
CA ALA A 193 -3.58 5.49 20.07
C ALA A 193 -4.26 6.58 20.90
N SER A 194 -3.62 7.75 20.99
CA SER A 194 -4.18 8.85 21.76
C SER A 194 -5.11 9.71 20.93
N GLY A 195 -5.24 9.38 19.64
CA GLY A 195 -6.10 10.18 18.79
C GLY A 195 -5.41 11.47 18.40
N GLU A 196 -4.12 11.54 18.69
CA GLU A 196 -3.30 12.70 18.37
C GLU A 196 -3.14 12.75 16.86
N ILE A 197 -2.81 11.60 16.26
CA ILE A 197 -2.66 11.49 14.83
C ILE A 197 -3.43 10.27 14.38
N LYS A 198 -3.59 10.13 13.07
CA LYS A 198 -4.30 8.99 12.52
C LYS A 198 -3.36 8.19 11.62
N ILE A 199 -3.61 6.89 11.54
CA ILE A 199 -2.84 5.98 10.70
C ILE A 199 -3.86 5.15 9.91
N THR A 200 -3.45 4.62 8.77
CA THR A 200 -4.36 3.83 7.96
C THR A 200 -4.59 2.46 8.56
N PRO A 201 -5.69 1.79 8.16
CA PRO A 201 -5.99 0.46 8.69
C PRO A 201 -4.96 -0.60 8.24
N TRP A 202 -4.47 -0.54 7.00
CA TRP A 202 -3.49 -1.55 6.60
C TRP A 202 -2.16 -1.45 7.34
N PHE A 203 -1.73 -0.22 7.62
CA PHE A 203 -0.46 0.02 8.34
C PHE A 203 -0.62 -0.46 9.79
N LYS A 204 -1.78 -0.16 10.37
CA LYS A 204 -2.09 -0.59 11.73
C LYS A 204 -1.99 -2.12 11.84
N ILE A 205 -2.62 -2.82 10.90
CA ILE A 205 -2.61 -4.28 10.87
C ILE A 205 -1.19 -4.88 10.71
N ILE A 206 -0.42 -4.36 9.76
CA ILE A 206 0.93 -4.87 9.54
C ILE A 206 1.83 -4.52 10.72
N ALA A 207 1.68 -3.30 11.25
CA ALA A 207 2.49 -2.87 12.38
C ALA A 207 2.19 -3.74 13.62
N ALA A 208 0.97 -4.21 13.75
CA ALA A 208 0.62 -5.00 14.92
C ALA A 208 0.91 -6.48 14.74
N THR A 209 1.32 -6.88 13.54
CA THR A 209 1.56 -8.30 13.32
C THR A 209 2.92 -8.72 12.81
N PHE A 210 3.27 -8.21 11.63
CA PHE A 210 4.50 -8.61 11.01
C PHE A 210 5.64 -7.62 10.93
N LEU A 211 5.31 -6.32 10.89
CA LEU A 211 6.34 -5.30 10.69
C LEU A 211 7.62 -5.46 11.48
N PHE A 212 7.53 -5.47 12.80
CA PHE A 212 8.74 -5.57 13.61
C PHE A 212 9.51 -6.87 13.48
N LYS A 213 8.84 -7.95 13.10
CA LYS A 213 9.51 -9.24 12.90
C LYS A 213 10.38 -9.06 11.65
N TRP A 214 9.79 -8.58 10.57
CA TRP A 214 10.51 -8.35 9.32
C TRP A 214 11.68 -7.39 9.55
N TRP A 215 11.39 -6.30 10.24
CA TRP A 215 12.39 -5.26 10.49
C TRP A 215 13.64 -5.81 11.21
N ASP A 216 13.47 -6.90 11.96
CA ASP A 216 14.62 -7.47 12.65
C ASP A 216 15.44 -8.37 11.77
N ASN A 217 14.82 -8.87 10.69
CA ASN A 217 15.49 -9.78 9.79
C ASN A 217 15.60 -9.21 8.38
N LEU A 218 15.78 -7.90 8.28
CA LEU A 218 15.88 -7.28 6.95
C LEU A 218 16.94 -7.94 6.07
N ASN A 219 17.88 -8.64 6.69
CA ASN A 219 18.95 -9.31 5.94
C ASN A 219 18.60 -10.75 5.60
N HIS A 220 17.64 -11.33 6.32
CA HIS A 220 17.24 -12.72 6.10
C HIS A 220 15.73 -12.85 6.05
N LEU A 221 15.11 -12.26 5.03
CA LEU A 221 13.66 -12.34 4.94
C LEU A 221 13.13 -13.51 4.11
N ASN A 222 13.97 -14.52 3.93
CA ASN A 222 13.59 -15.73 3.19
C ASN A 222 12.66 -16.52 4.08
N GLN A 223 12.98 -16.54 5.36
CA GLN A 223 12.17 -17.27 6.33
C GLN A 223 10.84 -16.55 6.55
N PHE A 224 10.74 -15.33 6.03
CA PHE A 224 9.51 -14.54 6.18
C PHE A 224 8.69 -14.40 4.88
N VAL A 225 9.05 -15.16 3.85
CA VAL A 225 8.34 -15.15 2.57
C VAL A 225 7.29 -16.27 2.56
N ASP A 226 6.08 -15.96 2.12
CA ASP A 226 5.03 -16.97 2.06
C ASP A 226 4.09 -16.58 0.93
N HIS A 227 4.31 -17.21 -0.22
CA HIS A 227 3.51 -16.98 -1.40
C HIS A 227 2.33 -17.94 -1.49
N GLU A 228 2.17 -18.78 -0.49
CA GLU A 228 1.05 -19.72 -0.54
C GLU A 228 -0.14 -19.25 0.29
N LYS A 229 0.10 -18.85 1.54
CA LYS A 229 -1.01 -18.44 2.41
C LYS A 229 -1.45 -16.98 2.28
N ILE A 230 -2.75 -16.75 2.36
CA ILE A 230 -3.31 -15.40 2.34
C ILE A 230 -3.76 -15.22 3.80
N TYR A 231 -3.12 -14.30 4.54
CA TYR A 231 -3.44 -14.05 5.95
C TYR A 231 -4.72 -13.24 6.05
N ARG A 232 -5.70 -13.79 6.78
CA ARG A 232 -7.00 -13.14 6.92
C ARG A 232 -7.01 -12.28 8.16
N MET A 233 -6.99 -10.96 7.99
CA MET A 233 -6.93 -10.03 9.10
C MET A 233 -8.27 -9.40 9.38
#